data_4NMR
#
_entry.id   4NMR
#
_cell.length_a   36.137
_cell.length_b   47.514
_cell.length_c   100.536
_cell.angle_alpha   90.00
_cell.angle_beta   90.00
_cell.angle_gamma   90.00
#
_symmetry.space_group_name_H-M   'P 21 21 21'
#
loop_
_entity.id
_entity.type
_entity.pdbx_description
1 polymer 'Golgi-associated PDZ and coiled-coil motif-containing protein'
2 polymer 'iCAL36(Ac-K-5) peptide'
3 non-polymer GLYCEROL
4 water water
#
loop_
_entity_poly.entity_id
_entity_poly.type
_entity_poly.pdbx_seq_one_letter_code
_entity_poly.pdbx_strand_id
1 'polypeptide(L)'
;GPIRKVLLLKEDHEGLGISITGGKEHGVPILISEIHPGQPADRCGGLHVGDAILAVNGVNLRDTKHKEAVTILSQQRGEI
EFEVVYV
;
A,B
2 'polypeptide(L)' ANSR(ALY)PTSII C,D
#
# COMPACT_ATOMS: atom_id res chain seq x y z
N GLY A 1 8.25 17.80 -21.28
CA GLY A 1 9.34 18.32 -20.47
C GLY A 1 10.48 17.33 -20.31
N PRO A 2 11.52 17.74 -19.59
CA PRO A 2 12.69 16.87 -19.39
C PRO A 2 12.41 15.72 -18.41
N ILE A 3 12.98 14.55 -18.67
CA ILE A 3 12.90 13.47 -17.71
C ILE A 3 13.83 13.81 -16.55
N ARG A 4 13.33 13.64 -15.33
CA ARG A 4 14.09 13.98 -14.12
C ARG A 4 14.30 12.72 -13.28
N LYS A 5 15.46 12.63 -12.64
CA LYS A 5 15.69 11.62 -11.61
C LYS A 5 15.51 12.30 -10.26
N VAL A 6 14.58 11.78 -9.48
CA VAL A 6 14.14 12.41 -8.24
C VAL A 6 14.30 11.46 -7.06
N LEU A 7 14.95 11.92 -6.01
CA LEU A 7 15.16 11.08 -4.84
C LEU A 7 14.11 11.33 -3.78
N LEU A 8 13.62 10.25 -3.19
CA LEU A 8 12.67 10.34 -2.09
C LEU A 8 13.18 9.49 -0.94
N LEU A 9 13.28 10.09 0.25
CA LEU A 9 13.67 9.36 1.44
C LEU A 9 12.42 9.03 2.25
N LYS A 10 12.18 7.74 2.45
CA LYS A 10 10.99 7.23 3.12
C LYS A 10 11.43 6.42 4.33
N GLU A 11 10.79 6.63 5.47
CA GLU A 11 11.07 5.77 6.63
C GLU A 11 10.34 4.44 6.45
N ASP A 12 10.91 3.38 7.02
CA ASP A 12 10.31 2.05 6.87
C ASP A 12 8.89 1.98 7.45
N HIS A 13 8.55 2.90 8.35
CA HIS A 13 7.25 2.87 9.00
C HIS A 13 6.14 3.65 8.28
N GLU A 14 6.44 4.19 7.09
CA GLU A 14 5.45 5.01 6.39
C GLU A 14 5.38 4.69 4.89
N GLY A 15 4.31 5.14 4.25
CA GLY A 15 4.17 5.01 2.81
C GLY A 15 4.80 6.20 2.10
N LEU A 16 4.61 6.28 0.79
CA LEU A 16 5.24 7.32 -0.03
C LEU A 16 4.52 8.66 0.07
N GLY A 17 3.19 8.63 0.22
CA GLY A 17 2.43 9.86 0.29
C GLY A 17 2.02 10.37 -1.08
N ILE A 18 1.64 9.45 -1.96
CA ILE A 18 1.24 9.77 -3.34
C ILE A 18 -0.03 9.04 -3.66
N SER A 19 -0.90 9.65 -4.48
CA SER A 19 -1.96 8.91 -5.17
C SER A 19 -1.62 8.80 -6.66
N ILE A 20 -1.87 7.62 -7.24
CA ILE A 20 -1.61 7.43 -8.66
C ILE A 20 -2.85 6.93 -9.43
N THR A 21 -2.88 7.28 -10.72
CA THR A 21 -3.86 6.74 -11.66
C THR A 21 -3.11 6.17 -12.86
N GLY A 22 -3.85 5.56 -13.79
CA GLY A 22 -3.28 5.10 -15.04
C GLY A 22 -2.60 3.74 -15.04
N GLY A 23 -1.83 3.49 -16.09
CA GLY A 23 -1.18 2.20 -16.28
C GLY A 23 -1.58 1.57 -17.60
N LYS A 24 -0.93 0.46 -17.92
CA LYS A 24 -1.04 -0.16 -19.24
C LYS A 24 -2.49 -0.38 -19.71
N GLU A 25 -3.33 -0.89 -18.82
CA GLU A 25 -4.70 -1.24 -19.20
C GLU A 25 -5.56 0.01 -19.45
N HIS A 26 -5.01 1.18 -19.17
CA HIS A 26 -5.68 2.46 -19.44
C HIS A 26 -5.05 3.21 -20.62
N GLY A 27 -3.98 2.65 -21.18
CA GLY A 27 -3.32 3.27 -22.32
C GLY A 27 -2.64 4.60 -22.01
N VAL A 28 -2.35 4.82 -20.73
CA VAL A 28 -1.65 6.02 -20.28
C VAL A 28 -0.62 5.61 -19.23
N PRO A 29 0.37 6.48 -18.97
CA PRO A 29 1.38 6.20 -17.95
C PRO A 29 0.80 6.12 -16.54
N ILE A 30 1.58 5.58 -15.61
CA ILE A 30 1.32 5.75 -14.19
C ILE A 30 1.48 7.25 -13.94
N LEU A 31 0.43 7.91 -13.43
CA LEU A 31 0.44 9.36 -13.24
C LEU A 31 0.21 9.70 -11.77
N ILE A 32 0.91 10.73 -11.29
CA ILE A 32 0.67 11.23 -9.94
C ILE A 32 -0.56 12.12 -9.97
N SER A 33 -1.58 11.73 -9.20
CA SER A 33 -2.81 12.52 -9.13
C SER A 33 -2.91 13.35 -7.85
N GLU A 34 -2.16 12.96 -6.82
CA GLU A 34 -2.12 13.71 -5.56
C GLU A 34 -0.74 13.56 -4.93
N ILE A 35 -0.25 14.65 -4.33
CA ILE A 35 0.92 14.63 -3.45
C ILE A 35 0.43 15.02 -2.07
N HIS A 36 0.49 14.09 -1.13
CA HIS A 36 -0.14 14.28 0.17
C HIS A 36 0.69 15.19 1.09
N PRO A 37 0.10 16.31 1.54
CA PRO A 37 0.86 17.22 2.41
C PRO A 37 1.45 16.54 3.64
N GLY A 38 2.71 16.85 3.95
CA GLY A 38 3.35 16.38 5.17
C GLY A 38 3.79 14.92 5.13
N GLN A 39 3.80 14.32 3.95
CA GLN A 39 4.28 12.96 3.76
C GLN A 39 5.55 12.97 2.88
N PRO A 40 6.22 11.81 2.70
CA PRO A 40 7.55 11.84 2.10
C PRO A 40 7.68 12.50 0.73
N ALA A 41 6.75 12.23 -0.20
CA ALA A 41 6.86 12.83 -1.52
C ALA A 41 6.81 14.36 -1.45
N ASP A 42 5.90 14.87 -0.63
CA ASP A 42 5.77 16.30 -0.39
C ASP A 42 7.06 16.88 0.21
N ARG A 43 7.55 16.24 1.28
CA ARG A 43 8.71 16.77 2.01
C ARG A 43 9.98 16.74 1.15
N CYS A 44 10.13 15.70 0.34
CA CYS A 44 11.37 15.52 -0.40
C CYS A 44 11.46 16.41 -1.65
N GLY A 45 10.31 16.85 -2.15
CA GLY A 45 10.28 17.72 -3.31
C GLY A 45 10.53 16.96 -4.59
N GLY A 46 10.35 17.65 -5.71
CA GLY A 46 10.66 17.06 -6.99
C GLY A 46 9.56 16.28 -7.68
N LEU A 47 8.50 15.91 -6.95
CA LEU A 47 7.40 15.13 -7.51
C LEU A 47 6.14 15.98 -7.49
N HIS A 48 5.43 16.02 -8.61
CA HIS A 48 4.30 16.93 -8.74
C HIS A 48 3.09 16.27 -9.38
N VAL A 49 1.90 16.72 -9.00
CA VAL A 49 0.67 16.25 -9.62
C VAL A 49 0.84 16.44 -11.13
N GLY A 50 0.54 15.38 -11.89
CA GLY A 50 0.64 15.44 -13.33
C GLY A 50 1.89 14.80 -13.91
N ASP A 51 2.87 14.50 -13.04
CA ASP A 51 4.06 13.77 -13.45
C ASP A 51 3.71 12.32 -13.78
N ALA A 52 4.29 11.83 -14.88
CA ALA A 52 4.26 10.40 -15.16
C ALA A 52 5.45 9.76 -14.47
N ILE A 53 5.21 8.61 -13.83
CA ILE A 53 6.32 7.86 -13.22
C ILE A 53 6.77 6.82 -14.23
N LEU A 54 7.98 7.00 -14.75
CA LEU A 54 8.51 6.14 -15.81
C LEU A 54 9.23 4.92 -15.25
N ALA A 55 9.83 5.08 -14.08
CA ALA A 55 10.58 4.01 -13.44
C ALA A 55 10.76 4.31 -11.97
N VAL A 56 10.94 3.27 -11.18
CA VAL A 56 11.36 3.43 -9.79
C VAL A 56 12.51 2.47 -9.49
N ASN A 57 13.60 3.01 -8.91
CA ASN A 57 14.76 2.19 -8.59
C ASN A 57 15.18 1.31 -9.75
N GLY A 58 15.16 1.90 -10.94
CA GLY A 58 15.58 1.18 -12.14
C GLY A 58 14.55 0.24 -12.74
N VAL A 59 13.42 0.07 -12.05
CA VAL A 59 12.37 -0.81 -12.55
C VAL A 59 11.45 -0.04 -13.48
N ASN A 60 11.39 -0.47 -14.73
CA ASN A 60 10.59 0.21 -15.75
C ASN A 60 9.09 0.09 -15.45
N LEU A 61 8.41 1.22 -15.40
CA LEU A 61 6.97 1.25 -15.16
C LEU A 61 6.19 1.75 -16.37
N ARG A 62 6.86 1.90 -17.50
CA ARG A 62 6.20 2.42 -18.72
C ARG A 62 5.16 1.47 -19.30
N ASP A 63 5.35 0.16 -19.13
CA ASP A 63 4.43 -0.79 -19.73
C ASP A 63 3.80 -1.68 -18.67
N THR A 64 3.58 -1.11 -17.50
CA THR A 64 3.09 -1.85 -16.34
C THR A 64 1.62 -1.58 -16.07
N LYS A 65 0.87 -2.64 -15.76
CA LYS A 65 -0.51 -2.48 -15.36
C LYS A 65 -0.62 -1.80 -13.99
N HIS A 66 -1.77 -1.20 -13.73
CA HIS A 66 -1.97 -0.42 -12.52
C HIS A 66 -1.63 -1.18 -11.24
N LYS A 67 -2.24 -2.35 -11.05
CA LYS A 67 -2.04 -3.11 -9.82
C LYS A 67 -0.58 -3.50 -9.62
N GLU A 68 0.05 -4.04 -10.66
CA GLU A 68 1.46 -4.42 -10.61
C GLU A 68 2.37 -3.23 -10.29
N ALA A 69 2.05 -2.06 -10.83
CA ALA A 69 2.77 -0.83 -10.48
C ALA A 69 2.60 -0.48 -9.01
N VAL A 70 1.39 -0.61 -8.48
CA VAL A 70 1.16 -0.37 -7.06
C VAL A 70 2.05 -1.31 -6.23
N THR A 71 2.12 -2.57 -6.64
CA THR A 71 2.96 -3.54 -5.92
C THR A 71 4.43 -3.13 -5.95
N ILE A 72 4.94 -2.88 -7.15
CA ILE A 72 6.33 -2.48 -7.29
C ILE A 72 6.63 -1.21 -6.48
N LEU A 73 5.79 -0.18 -6.61
CA LEU A 73 6.04 1.07 -5.90
C LEU A 73 5.99 0.90 -4.38
N SER A 74 5.01 0.13 -3.90
CA SER A 74 4.82 -0.06 -2.47
C SER A 74 5.88 -0.96 -1.84
N GLN A 75 6.57 -1.73 -2.66
CA GLN A 75 7.60 -2.64 -2.16
C GLN A 75 8.96 -2.00 -1.93
N GLN A 76 9.16 -0.80 -2.48
CA GLN A 76 10.44 -0.13 -2.34
C GLN A 76 10.66 0.42 -0.92
N ARG A 77 11.92 0.39 -0.48
CA ARG A 77 12.28 0.90 0.84
C ARG A 77 13.46 1.89 0.78
N GLY A 78 13.45 2.84 1.70
CA GLY A 78 14.63 3.67 1.99
C GLY A 78 14.83 4.87 1.08
N GLU A 79 15.97 4.90 0.39
CA GLU A 79 16.28 5.97 -0.55
C GLU A 79 15.86 5.53 -1.93
N ILE A 80 14.74 6.09 -2.40
CA ILE A 80 14.03 5.59 -3.57
C ILE A 80 14.13 6.60 -4.70
N GLU A 81 14.68 6.16 -5.83
CA GLU A 81 14.86 7.05 -6.97
C GLU A 81 13.75 6.87 -7.99
N PHE A 82 13.09 7.98 -8.33
CA PHE A 82 12.02 7.95 -9.32
C PHE A 82 12.53 8.56 -10.62
N GLU A 83 12.06 8.01 -11.73
CA GLU A 83 12.28 8.66 -13.01
C GLU A 83 10.92 9.18 -13.45
N VAL A 84 10.82 10.50 -13.61
CA VAL A 84 9.53 11.10 -13.87
C VAL A 84 9.61 12.15 -14.97
N VAL A 85 8.47 12.46 -15.56
CA VAL A 85 8.41 13.47 -16.60
C VAL A 85 7.05 14.16 -16.60
N TYR A 86 7.04 15.44 -16.90
CA TYR A 86 5.79 16.15 -17.12
C TYR A 86 5.67 16.50 -18.60
N VAL A 87 4.60 16.04 -19.23
CA VAL A 87 4.36 16.35 -20.64
C VAL A 87 3.15 17.26 -20.79
N GLY B 1 -6.09 9.84 5.46
CA GLY B 1 -5.03 9.60 6.42
C GLY B 1 -3.82 8.94 5.78
N PRO B 2 -2.70 8.92 6.51
CA PRO B 2 -1.43 8.41 5.98
C PRO B 2 -1.31 6.89 6.04
N ILE B 3 -0.60 6.32 5.08
CA ILE B 3 -0.26 4.92 5.15
C ILE B 3 0.79 4.70 6.24
N ARG B 4 0.53 3.73 7.10
CA ARG B 4 1.51 3.30 8.09
C ARG B 4 1.96 1.88 7.80
N LYS B 5 3.22 1.60 8.08
CA LYS B 5 3.71 0.23 7.99
C LYS B 5 4.10 -0.19 9.39
N VAL B 6 3.37 -1.19 9.90
CA VAL B 6 3.42 -1.55 11.31
C VAL B 6 4.00 -2.95 11.50
N LEU B 7 4.99 -3.08 12.37
CA LEU B 7 5.54 -4.40 12.69
C LEU B 7 4.85 -4.98 13.91
N LEU B 8 4.48 -6.25 13.80
CA LEU B 8 3.78 -6.98 14.83
C LEU B 8 4.63 -8.24 15.07
N LEU B 9 4.68 -8.73 16.31
CA LEU B 9 5.41 -9.97 16.59
C LEU B 9 4.47 -11.06 17.06
N LYS B 10 4.36 -12.12 16.27
CA LYS B 10 3.47 -13.24 16.56
C LYS B 10 4.27 -14.46 16.99
N GLU B 11 4.03 -14.93 18.21
CA GLU B 11 4.62 -16.19 18.65
C GLU B 11 3.88 -17.34 17.97
N ASP B 12 4.54 -18.46 17.78
CA ASP B 12 3.93 -19.56 17.04
C ASP B 12 2.67 -20.15 17.71
N HIS B 13 2.57 -20.00 19.03
CA HIS B 13 1.43 -20.57 19.74
C HIS B 13 0.20 -19.66 19.76
N GLU B 14 0.27 -18.52 19.08
CA GLU B 14 -0.85 -17.58 19.11
C GLU B 14 -1.25 -17.12 17.69
N GLY B 15 -2.47 -16.61 17.58
CA GLY B 15 -2.92 -16.03 16.32
C GLY B 15 -2.43 -14.61 16.18
N LEU B 16 -2.97 -13.89 15.19
CA LEU B 16 -2.70 -12.47 15.02
C LEU B 16 -3.55 -11.61 15.97
N GLY B 17 -4.76 -12.06 16.28
CA GLY B 17 -5.67 -11.29 17.11
C GLY B 17 -6.43 -10.23 16.33
N ILE B 18 -6.86 -10.57 15.12
CA ILE B 18 -7.61 -9.65 14.29
C ILE B 18 -8.82 -10.33 13.68
N SER B 19 -9.94 -9.63 13.65
CA SER B 19 -11.06 -10.01 12.80
C SER B 19 -11.05 -9.13 11.55
N ILE B 20 -11.32 -9.72 10.40
CA ILE B 20 -11.40 -8.93 9.18
C ILE B 20 -12.67 -9.16 8.38
N THR B 21 -13.10 -8.12 7.68
CA THR B 21 -14.19 -8.18 6.75
C THR B 21 -13.69 -7.65 5.41
N GLY B 22 -14.53 -7.74 4.39
CA GLY B 22 -14.23 -7.09 3.11
C GLY B 22 -13.52 -7.99 2.11
N GLY B 23 -12.99 -7.36 1.05
CA GLY B 23 -12.32 -8.12 0.01
C GLY B 23 -12.87 -7.80 -1.36
N LYS B 24 -12.13 -8.16 -2.40
CA LYS B 24 -12.47 -7.77 -3.77
C LYS B 24 -13.92 -8.06 -4.18
N GLU B 25 -14.43 -9.23 -3.80
CA GLU B 25 -15.76 -9.63 -4.26
C GLU B 25 -16.85 -8.75 -3.67
N HIS B 26 -16.48 -7.97 -2.65
CA HIS B 26 -17.41 -7.07 -1.99
C HIS B 26 -17.16 -5.60 -2.32
N GLY B 27 -16.22 -5.35 -3.24
CA GLY B 27 -15.94 -3.99 -3.70
C GLY B 27 -15.33 -3.07 -2.66
N VAL B 28 -14.78 -3.65 -1.59
CA VAL B 28 -14.19 -2.88 -0.50
C VAL B 28 -12.87 -3.51 -0.03
N PRO B 29 -12.01 -2.73 0.65
CA PRO B 29 -10.74 -3.31 1.09
C PRO B 29 -10.90 -4.36 2.18
N ILE B 30 -9.84 -5.13 2.40
CA ILE B 30 -9.74 -5.97 3.59
C ILE B 30 -9.67 -5.01 4.77
N LEU B 31 -10.52 -5.22 5.78
CA LEU B 31 -10.69 -4.24 6.84
C LEU B 31 -10.65 -4.89 8.19
N ILE B 32 -9.92 -4.29 9.14
CA ILE B 32 -9.92 -4.78 10.50
C ILE B 32 -11.22 -4.42 11.19
N SER B 33 -11.95 -5.44 11.63
CA SER B 33 -13.25 -5.24 12.29
C SER B 33 -13.18 -5.45 13.80
N GLU B 34 -12.12 -6.11 14.26
CA GLU B 34 -11.92 -6.28 15.70
C GLU B 34 -10.44 -6.47 16.03
N ILE B 35 -10.00 -5.83 17.12
CA ILE B 35 -8.66 -6.07 17.67
C ILE B 35 -8.85 -6.84 18.97
N HIS B 36 -8.28 -8.04 19.04
CA HIS B 36 -8.53 -8.94 20.16
C HIS B 36 -7.56 -8.66 21.30
N PRO B 37 -8.09 -8.39 22.50
CA PRO B 37 -7.25 -7.94 23.63
C PRO B 37 -6.11 -8.91 23.92
N GLY B 38 -4.91 -8.36 24.09
CA GLY B 38 -3.77 -9.15 24.55
C GLY B 38 -3.02 -9.91 23.47
N GLN B 39 -3.59 -9.95 22.27
CA GLN B 39 -2.95 -10.67 21.15
C GLN B 39 -1.99 -9.75 20.38
N PRO B 40 -1.20 -10.34 19.45
CA PRO B 40 -0.13 -9.54 18.83
C PRO B 40 -0.56 -8.20 18.21
N ALA B 41 -1.69 -8.16 17.52
CA ALA B 41 -2.14 -6.90 16.93
C ALA B 41 -2.41 -5.82 17.98
N ASP B 42 -3.08 -6.20 19.06
CA ASP B 42 -3.27 -5.30 20.19
C ASP B 42 -1.93 -4.84 20.78
N ARG B 43 -1.04 -5.79 21.02
CA ARG B 43 0.21 -5.50 21.72
C ARG B 43 1.09 -4.50 20.97
N CYS B 44 1.05 -4.50 19.63
CA CYS B 44 1.93 -3.61 18.87
C CYS B 44 1.46 -2.17 18.91
N GLY B 45 0.18 -1.96 19.21
CA GLY B 45 -0.38 -0.63 19.39
C GLY B 45 -0.65 0.18 18.13
N GLY B 46 -0.32 -0.36 16.96
CA GLY B 46 -0.42 0.40 15.73
C GLY B 46 -1.48 -0.06 14.75
N LEU B 47 -2.30 -1.03 15.16
CA LEU B 47 -3.41 -1.56 14.33
C LEU B 47 -4.75 -1.36 15.03
N HIS B 48 -5.74 -0.85 14.29
CA HIS B 48 -7.00 -0.46 14.91
C HIS B 48 -8.21 -0.83 14.05
N VAL B 49 -9.36 -0.96 14.71
CA VAL B 49 -10.62 -1.21 14.00
C VAL B 49 -10.83 -0.10 12.98
N GLY B 50 -11.22 -0.47 11.76
CA GLY B 50 -11.37 0.49 10.69
C GLY B 50 -10.17 0.68 9.77
N ASP B 51 -9.01 0.16 10.17
CA ASP B 51 -7.86 0.18 9.27
C ASP B 51 -8.07 -0.80 8.11
N ALA B 52 -7.74 -0.37 6.90
CA ALA B 52 -7.69 -1.24 5.74
C ALA B 52 -6.29 -1.83 5.71
N ILE B 53 -6.21 -3.14 5.44
CA ILE B 53 -4.94 -3.81 5.24
C ILE B 53 -4.63 -3.82 3.74
N LEU B 54 -3.69 -2.96 3.35
CA LEU B 54 -3.29 -2.82 1.95
C LEU B 54 -2.32 -3.92 1.53
N ALA B 55 -1.47 -4.35 2.45
CA ALA B 55 -0.48 -5.38 2.17
C ALA B 55 0.02 -6.00 3.45
N VAL B 56 0.50 -7.23 3.37
CA VAL B 56 1.18 -7.86 4.49
C VAL B 56 2.53 -8.38 3.99
N ASN B 57 3.61 -7.97 4.66
CA ASN B 57 4.96 -8.25 4.16
C ASN B 57 5.14 -7.95 2.68
N GLY B 58 4.48 -6.90 2.22
CA GLY B 58 4.63 -6.43 0.86
C GLY B 58 3.75 -7.17 -0.14
N VAL B 59 2.98 -8.15 0.34
CA VAL B 59 2.02 -8.84 -0.53
C VAL B 59 0.83 -7.94 -0.70
N ASN B 60 0.61 -7.51 -1.94
CA ASN B 60 -0.48 -6.59 -2.25
C ASN B 60 -1.83 -7.27 -2.08
N LEU B 61 -2.62 -6.79 -1.12
CA LEU B 61 -3.94 -7.37 -0.83
C LEU B 61 -5.06 -6.40 -1.20
N ARG B 62 -4.76 -5.42 -2.05
CA ARG B 62 -5.73 -4.39 -2.40
C ARG B 62 -6.78 -4.91 -3.38
N ASP B 63 -6.45 -5.99 -4.10
CA ASP B 63 -7.33 -6.52 -5.13
C ASP B 63 -7.59 -8.01 -4.95
N THR B 64 -7.55 -8.46 -3.69
CA THR B 64 -7.66 -9.89 -3.38
C THR B 64 -8.99 -10.22 -2.71
N LYS B 65 -9.58 -11.35 -3.06
CA LYS B 65 -10.83 -11.77 -2.44
C LYS B 65 -10.63 -12.13 -0.98
N HIS B 66 -11.72 -12.14 -0.23
CA HIS B 66 -11.68 -12.34 1.22
C HIS B 66 -10.89 -13.58 1.63
N LYS B 67 -11.30 -14.74 1.13
CA LYS B 67 -10.73 -16.01 1.59
C LYS B 67 -9.23 -16.06 1.33
N GLU B 68 -8.82 -15.61 0.15
CA GLU B 68 -7.42 -15.66 -0.23
C GLU B 68 -6.59 -14.75 0.67
N ALA B 69 -7.12 -13.56 0.94
CA ALA B 69 -6.47 -12.63 1.87
C ALA B 69 -6.32 -13.27 3.24
N VAL B 70 -7.38 -13.90 3.71
CA VAL B 70 -7.35 -14.54 5.02
C VAL B 70 -6.30 -15.64 5.04
N THR B 71 -6.23 -16.39 3.95
CA THR B 71 -5.23 -17.47 3.86
C THR B 71 -3.81 -16.91 3.95
N ILE B 72 -3.50 -15.88 3.17
CA ILE B 72 -2.18 -15.27 3.25
C ILE B 72 -1.89 -14.73 4.65
N LEU B 73 -2.85 -14.03 5.24
CA LEU B 73 -2.68 -13.54 6.60
C LEU B 73 -2.39 -14.67 7.60
N SER B 74 -3.12 -15.78 7.45
CA SER B 74 -3.01 -16.90 8.39
C SER B 74 -1.68 -17.66 8.28
N GLN B 75 -0.97 -17.48 7.17
CA GLN B 75 0.32 -18.15 6.96
C GLN B 75 1.49 -17.39 7.55
N GLN B 76 1.23 -16.15 7.99
CA GLN B 76 2.30 -15.31 8.50
C GLN B 76 2.80 -15.78 9.86
N ARG B 77 4.11 -15.68 10.08
CA ARG B 77 4.75 -16.11 11.33
C ARG B 77 5.80 -15.09 11.75
N GLY B 78 6.04 -14.99 13.05
CA GLY B 78 7.13 -14.17 13.55
C GLY B 78 6.88 -12.67 13.44
N GLU B 79 7.89 -11.93 13.02
CA GLU B 79 7.75 -10.48 12.85
C GLU B 79 7.13 -10.19 11.49
N ILE B 80 5.99 -9.51 11.50
CA ILE B 80 5.16 -9.37 10.31
C ILE B 80 4.83 -7.91 10.08
N GLU B 81 5.08 -7.43 8.87
CA GLU B 81 4.77 -6.04 8.54
C GLU B 81 3.37 -5.93 7.93
N PHE B 82 2.57 -5.01 8.46
CA PHE B 82 1.26 -4.69 7.90
C PHE B 82 1.29 -3.27 7.33
N GLU B 83 0.90 -3.14 6.07
CA GLU B 83 0.70 -1.83 5.46
C GLU B 83 -0.79 -1.50 5.60
N VAL B 84 -1.10 -0.48 6.38
CA VAL B 84 -2.49 -0.12 6.72
C VAL B 84 -2.78 1.36 6.53
N VAL B 85 -4.05 1.66 6.33
CA VAL B 85 -4.52 3.04 6.30
C VAL B 85 -5.94 3.10 6.84
N TYR B 86 -6.23 4.11 7.63
CA TYR B 86 -7.59 4.27 8.15
C TYR B 86 -8.50 4.83 7.05
N VAL B 87 -9.63 4.17 6.80
CA VAL B 87 -10.55 4.64 5.76
C VAL B 87 -11.90 5.14 6.29
N ALA C 1 -21.95 1.84 -17.74
CA ALA C 1 -21.81 3.23 -17.30
C ALA C 1 -20.34 3.66 -17.26
N ASN C 2 -20.07 4.91 -17.60
CA ASN C 2 -18.69 5.41 -17.48
C ASN C 2 -18.25 5.45 -16.03
N SER C 3 -16.96 5.28 -15.80
CA SER C 3 -16.43 5.23 -14.44
C SER C 3 -15.27 6.19 -14.21
N ARG C 4 -15.13 6.64 -12.96
CA ARG C 4 -13.97 7.42 -12.56
C ARG C 4 -12.70 6.59 -12.70
N PRO C 6 -9.52 4.64 -11.87
CA PRO C 6 -9.00 3.99 -10.67
C PRO C 6 -7.84 4.77 -10.07
N THR C 7 -7.89 5.02 -8.77
CA THR C 7 -6.86 5.74 -8.06
C THR C 7 -6.40 4.92 -6.88
N SER C 8 -5.09 4.80 -6.71
CA SER C 8 -4.52 4.08 -5.57
C SER C 8 -3.64 4.99 -4.74
N ILE C 9 -3.65 4.78 -3.43
CA ILE C 9 -2.72 5.47 -2.54
C ILE C 9 -1.52 4.58 -2.26
N ILE C 10 -0.34 5.18 -2.23
CA ILE C 10 0.90 4.44 -1.98
C ILE C 10 1.81 5.24 -1.06
N PRO D 6 -18.64 -12.15 4.82
CA PRO D 6 -17.89 -12.89 5.83
C PRO D 6 -17.15 -12.01 6.84
N THR D 7 -16.99 -12.55 8.04
CA THR D 7 -16.00 -12.07 8.97
C THR D 7 -15.10 -13.26 9.24
N SER D 8 -13.79 -13.05 9.19
CA SER D 8 -12.84 -14.11 9.54
C SER D 8 -11.98 -13.67 10.71
N ILE D 9 -11.51 -14.64 11.51
CA ILE D 9 -10.64 -14.33 12.64
C ILE D 9 -9.30 -15.03 12.43
N ILE D 10 -8.23 -14.29 12.63
CA ILE D 10 -6.89 -14.84 12.44
C ILE D 10 -6.02 -14.53 13.66
#